data_1HLV
#
_entry.id   1HLV
#
_cell.length_a   83.374
_cell.length_b   83.374
_cell.length_c   139.021
_cell.angle_alpha   90
_cell.angle_beta   90
_cell.angle_gamma   120
#
_symmetry.space_group_name_H-M   'P 31 1 2'
#
loop_
_entity.id
_entity.type
_entity.pdbx_description
1 polymer 'CENP-B BOX DNA'
2 polymer 'CENP-B BOX DNA'
3 polymer 'MAJOR CENTROMERE AUTOANTIGEN B'
4 water water
#
loop_
_entity_poly.entity_id
_entity_poly.type
_entity_poly.pdbx_seq_one_letter_code
_entity_poly.pdbx_strand_id
1 'polydeoxyribonucleotide'
;(DG)(DC)(DC)(DT)(DT)(DC)(DG)(DT)(DT)(DG)(DG)(DA)(DA)(DA)(DC)(DG)(DG)(DG)(DA)(DT)
(DT)
;
B
2 'polydeoxyribonucleotide'
;(DA)(DA)(DT)(DC)(DC)(DC)(DG)(DT)(DT)(DT)(DC)(DC)(DA)(DA)(DC)(DG)(DA)(DA)(DG)(DG)
(DC)
;
C
3 'polypeptide(L)'
;MGPKRRQLTFREKSRIIQEVEENPDLRKGEIARRFNIPPSTLSTILKNKRAILASERKYGVASTCRKTNKLSPYDKLEGL
LIAWFQQIRAAGLPVKGIILKEKALRIAEELGMDDFTASNGWLDRFRRRRS
;
A
#
loop_
_chem_comp.id
_chem_comp.type
_chem_comp.name
_chem_comp.formula
DA DNA linking 2'-DEOXYADENOSINE-5'-MONOPHOSPHATE 'C10 H14 N5 O6 P'
DC DNA linking 2'-DEOXYCYTIDINE-5'-MONOPHOSPHATE 'C9 H14 N3 O7 P'
DG DNA linking 2'-DEOXYGUANOSINE-5'-MONOPHOSPHATE 'C10 H14 N5 O7 P'
DT DNA linking THYMIDINE-5'-MONOPHOSPHATE 'C10 H15 N2 O8 P'
#
# COMPACT_ATOMS: atom_id res chain seq x y z
N MET C 1 -1.73 1.59 29.03
CA MET C 1 -2.64 2.71 28.61
C MET C 1 -3.34 2.41 27.29
N GLY C 2 -4.33 3.23 26.95
CA GLY C 2 -5.04 3.06 25.70
C GLY C 2 -4.27 3.72 24.58
N PRO C 3 -4.72 3.59 23.33
CA PRO C 3 -4.02 4.22 22.21
C PRO C 3 -4.12 5.75 22.26
N LYS C 4 -3.19 6.43 21.60
CA LYS C 4 -3.19 7.90 21.59
C LYS C 4 -3.53 8.43 20.21
N ARG C 5 -3.38 7.59 19.19
CA ARG C 5 -3.70 7.98 17.81
C ARG C 5 -4.36 6.80 17.12
N ARG C 6 -5.46 7.09 16.46
CA ARG C 6 -6.21 6.08 15.76
C ARG C 6 -5.70 5.99 14.32
N GLN C 7 -5.21 4.82 13.93
CA GLN C 7 -4.73 4.62 12.57
C GLN C 7 -5.88 4.00 11.76
N LEU C 8 -6.05 4.47 10.53
CA LEU C 8 -7.12 4.00 9.66
C LEU C 8 -6.58 3.19 8.48
N THR C 9 -7.41 2.30 7.93
CA THR C 9 -6.99 1.51 6.78
C THR C 9 -7.23 2.33 5.53
N PHE C 10 -6.58 1.94 4.44
CA PHE C 10 -6.78 2.66 3.20
C PHE C 10 -8.22 2.59 2.76
N ARG C 11 -8.88 1.47 3.04
CA ARG C 11 -10.28 1.33 2.67
C ARG C 11 -11.14 2.33 3.47
N GLU C 12 -10.82 2.51 4.75
CA GLU C 12 -11.55 3.43 5.61
C GLU C 12 -11.36 4.89 5.20
N LYS C 13 -10.11 5.25 4.88
CA LYS C 13 -9.82 6.61 4.46
C LYS C 13 -10.44 6.86 3.08
N SER C 14 -10.52 5.81 2.28
CA SER C 14 -11.14 5.93 0.97
C SER C 14 -12.63 6.22 1.14
N ARG C 15 -13.27 5.55 2.09
CA ARG C 15 -14.70 5.75 2.33
C ARG C 15 -14.95 7.18 2.82
N ILE C 16 -14.11 7.64 3.73
CA ILE C 16 -14.24 8.98 4.27
C ILE C 16 -14.15 10.00 3.13
N ILE C 17 -13.17 9.81 2.25
CA ILE C 17 -12.97 10.69 1.11
C ILE C 17 -14.22 10.69 0.25
N GLN C 18 -14.70 9.50 -0.08
CA GLN C 18 -15.89 9.34 -0.90
C GLN C 18 -17.08 10.02 -0.26
N GLU C 19 -17.15 9.98 1.07
CA GLU C 19 -18.25 10.59 1.78
C GLU C 19 -18.28 12.10 1.53
N VAL C 20 -17.12 12.73 1.58
CA VAL C 20 -17.02 14.17 1.37
C VAL C 20 -17.37 14.60 -0.05
N GLU C 21 -16.99 13.79 -1.04
CA GLU C 21 -17.29 14.13 -2.43
C GLU C 21 -18.76 13.93 -2.80
N GLU C 22 -19.45 13.06 -2.07
CA GLU C 22 -20.87 12.80 -2.36
C GLU C 22 -21.79 13.66 -1.51
N ASN C 23 -21.22 14.39 -0.56
CA ASN C 23 -22.02 15.24 0.32
C ASN C 23 -21.35 16.59 0.48
N PRO C 24 -21.11 17.29 -0.64
CA PRO C 24 -20.47 18.61 -0.62
C PRO C 24 -21.22 19.66 0.20
N ASP C 25 -22.50 19.41 0.46
CA ASP C 25 -23.30 20.36 1.24
C ASP C 25 -23.37 20.09 2.73
N LEU C 26 -22.38 19.38 3.25
CA LEU C 26 -22.34 19.09 4.68
C LEU C 26 -21.11 19.74 5.29
N ARG C 27 -21.22 20.15 6.56
CA ARG C 27 -20.09 20.76 7.24
C ARG C 27 -19.02 19.68 7.40
N LYS C 28 -17.76 20.06 7.20
CA LYS C 28 -16.66 19.11 7.36
C LYS C 28 -16.72 18.54 8.77
N GLY C 29 -17.03 19.41 9.75
CA GLY C 29 -17.13 18.95 11.12
C GLY C 29 -18.22 17.90 11.28
N GLU C 30 -19.22 17.96 10.42
CA GLU C 30 -20.32 17.00 10.46
C GLU C 30 -19.83 15.65 9.96
N ILE C 31 -19.09 15.67 8.85
CA ILE C 31 -18.56 14.43 8.31
C ILE C 31 -17.54 13.81 9.29
N ALA C 32 -16.71 14.66 9.89
CA ALA C 32 -15.73 14.17 10.87
C ALA C 32 -16.47 13.46 12.00
N ARG C 33 -17.60 14.03 12.42
CA ARG C 33 -18.38 13.43 13.51
C ARG C 33 -18.91 12.06 13.11
N ARG C 34 -19.45 11.96 11.89
CA ARG C 34 -19.98 10.70 11.41
C ARG C 34 -18.98 9.56 11.47
N PHE C 35 -17.70 9.88 11.28
CA PHE C 35 -16.68 8.86 11.32
C PHE C 35 -15.94 8.88 12.64
N ASN C 36 -16.34 9.80 13.50
CA ASN C 36 -15.73 9.91 14.82
C ASN C 36 -14.22 10.12 14.74
N ILE C 37 -13.81 11.14 14.00
CA ILE C 37 -12.39 11.48 13.86
C ILE C 37 -12.25 12.98 14.00
N PRO C 38 -11.09 13.44 14.49
CA PRO C 38 -10.89 14.88 14.65
C PRO C 38 -11.00 15.60 13.30
N PRO C 39 -11.56 16.81 13.28
CA PRO C 39 -11.68 17.53 12.01
C PRO C 39 -10.28 17.70 11.41
N SER C 40 -9.31 17.79 12.31
CA SER C 40 -7.91 17.90 11.96
C SER C 40 -7.53 16.68 11.10
N THR C 41 -7.93 15.50 11.55
CA THR C 41 -7.64 14.26 10.84
C THR C 41 -8.35 14.20 9.49
N LEU C 42 -9.58 14.70 9.42
CA LEU C 42 -10.33 14.70 8.16
C LEU C 42 -9.65 15.58 7.12
N SER C 43 -9.17 16.74 7.56
CA SER C 43 -8.50 17.67 6.65
C SER C 43 -7.26 17.03 6.04
N THR C 44 -6.40 16.46 6.89
CA THR C 44 -5.20 15.85 6.38
C THR C 44 -5.52 14.67 5.45
N ILE C 45 -6.61 13.96 5.70
CA ILE C 45 -7.01 12.87 4.81
C ILE C 45 -7.38 13.46 3.44
N LEU C 46 -8.20 14.52 3.46
CA LEU C 46 -8.60 15.17 2.23
C LEU C 46 -7.41 15.73 1.48
N LYS C 47 -6.43 16.29 2.20
CA LYS C 47 -5.27 16.82 1.50
C LYS C 47 -4.43 15.72 0.84
N ASN C 48 -4.44 14.52 1.42
CA ASN C 48 -3.68 13.40 0.87
C ASN C 48 -4.56 12.55 -0.03
N LYS C 49 -5.74 13.08 -0.33
CA LYS C 49 -6.72 12.43 -1.19
C LYS C 49 -6.16 11.55 -2.30
N ARG C 50 -5.33 12.12 -3.16
CA ARG C 50 -4.77 11.38 -4.30
C ARG C 50 -3.79 10.28 -3.93
N ALA C 51 -2.95 10.52 -2.93
CA ALA C 51 -1.99 9.50 -2.52
C ALA C 51 -2.79 8.34 -1.92
N ILE C 52 -3.75 8.68 -1.06
CA ILE C 52 -4.58 7.66 -0.42
C ILE C 52 -5.32 6.77 -1.43
N LEU C 53 -5.94 7.36 -2.44
CA LEU C 53 -6.65 6.55 -3.44
C LEU C 53 -5.67 5.73 -4.27
N ALA C 54 -4.45 6.24 -4.44
CA ALA C 54 -3.42 5.50 -5.18
C ALA C 54 -3.00 4.29 -4.35
N SER C 55 -2.82 4.50 -3.05
CA SER C 55 -2.43 3.40 -2.17
C SER C 55 -3.52 2.32 -2.15
N GLU C 56 -4.77 2.73 -1.99
CA GLU C 56 -5.85 1.75 -1.98
C GLU C 56 -5.77 0.86 -3.23
N ARG C 57 -5.50 1.46 -4.38
CA ARG C 57 -5.38 0.70 -5.61
C ARG C 57 -4.16 -0.22 -5.55
N LYS C 58 -3.05 0.33 -5.08
CA LYS C 58 -1.80 -0.41 -4.96
C LYS C 58 -1.91 -1.65 -4.09
N TYR C 59 -2.54 -1.52 -2.93
CA TYR C 59 -2.68 -2.63 -1.99
C TYR C 59 -3.84 -3.59 -2.29
N GLY C 60 -4.68 -3.22 -3.26
CA GLY C 60 -5.79 -4.08 -3.63
C GLY C 60 -6.62 -4.63 -2.48
N VAL C 61 -6.84 -5.95 -2.46
CA VAL C 61 -7.65 -6.56 -1.42
C VAL C 61 -7.09 -6.35 -0.02
N ALA C 62 -5.82 -5.95 0.06
CA ALA C 62 -5.17 -5.72 1.34
C ALA C 62 -5.44 -4.32 1.90
N SER C 63 -6.17 -3.52 1.15
CA SER C 63 -6.50 -2.16 1.60
C SER C 63 -7.40 -2.21 2.81
N THR C 64 -7.95 -3.39 3.05
CA THR C 64 -8.82 -3.64 4.18
C THR C 64 -8.01 -3.72 5.46
N CYS C 65 -6.70 -3.83 5.31
CA CYS C 65 -5.83 -3.97 6.46
C CYS C 65 -4.65 -3.00 6.47
N ARG C 66 -4.11 -2.72 5.29
CA ARG C 66 -2.98 -1.82 5.15
C ARG C 66 -3.40 -0.42 5.58
N LYS C 67 -2.54 0.25 6.33
CA LYS C 67 -2.86 1.60 6.80
C LYS C 67 -1.82 2.62 6.33
N THR C 68 -0.59 2.15 6.19
CA THR C 68 0.53 2.98 5.79
C THR C 68 1.14 2.62 4.44
N ASN C 69 1.48 3.64 3.66
CA ASN C 69 2.10 3.38 2.38
C ASN C 69 3.62 3.32 2.52
N LYS C 70 4.08 2.68 3.60
CA LYS C 70 5.50 2.55 3.85
C LYS C 70 6.13 1.71 2.73
N LEU C 71 7.32 2.12 2.31
CA LEU C 71 8.03 1.41 1.24
C LEU C 71 9.24 0.66 1.78
N SER C 72 9.68 -0.32 1.00
CA SER C 72 10.86 -1.10 1.37
C SER C 72 12.03 -0.35 0.77
N PRO C 73 13.20 -0.37 1.44
CA PRO C 73 14.33 0.35 0.87
C PRO C 73 14.74 -0.25 -0.50
N TYR C 74 14.17 -1.40 -0.85
CA TYR C 74 14.46 -2.06 -2.12
C TYR C 74 13.30 -1.85 -3.08
N ASP C 75 12.50 -0.83 -2.80
CA ASP C 75 11.32 -0.52 -3.61
C ASP C 75 11.59 -0.49 -5.12
N LYS C 76 12.74 0.01 -5.53
CA LYS C 76 13.03 0.06 -6.96
C LYS C 76 13.06 -1.35 -7.52
N LEU C 77 13.71 -2.25 -6.78
CA LEU C 77 13.82 -3.66 -7.19
C LEU C 77 12.43 -4.28 -7.25
N GLU C 78 11.61 -4.02 -6.24
CA GLU C 78 10.26 -4.55 -6.20
C GLU C 78 9.41 -4.12 -7.40
N GLY C 79 9.68 -2.93 -7.92
CA GLY C 79 8.94 -2.45 -9.07
C GLY C 79 9.24 -3.33 -10.26
N LEU C 80 10.53 -3.52 -10.52
CA LEU C 80 10.96 -4.36 -11.64
C LEU C 80 10.48 -5.80 -11.50
N LEU C 81 10.60 -6.35 -10.30
CA LEU C 81 10.17 -7.73 -10.02
C LEU C 81 8.69 -7.92 -10.32
N ILE C 82 7.86 -6.98 -9.85
CA ILE C 82 6.43 -7.07 -10.09
C ILE C 82 6.13 -7.06 -11.58
N ALA C 83 6.66 -6.08 -12.29
CA ALA C 83 6.44 -5.97 -13.72
C ALA C 83 6.78 -7.30 -14.37
N TRP C 84 7.89 -7.89 -13.92
CA TRP C 84 8.37 -9.16 -14.44
C TRP C 84 7.40 -10.34 -14.27
N PHE C 85 7.07 -10.69 -13.03
CA PHE C 85 6.17 -11.82 -12.82
C PHE C 85 4.73 -11.52 -13.21
N GLN C 86 4.39 -10.24 -13.24
CA GLN C 86 3.04 -9.83 -13.61
C GLN C 86 2.84 -10.07 -15.10
N GLN C 87 3.96 -10.19 -15.81
CA GLN C 87 3.96 -10.43 -17.25
C GLN C 87 3.81 -11.93 -17.50
N ILE C 88 4.27 -12.72 -16.51
CA ILE C 88 4.19 -14.17 -16.59
C ILE C 88 2.76 -14.60 -16.26
N ARG C 89 2.17 -13.92 -15.28
CA ARG C 89 0.81 -14.23 -14.88
C ARG C 89 -0.16 -13.79 -15.95
N ALA C 90 0.27 -12.88 -16.82
CA ALA C 90 -0.61 -12.40 -17.88
C ALA C 90 -0.84 -13.55 -18.86
N ALA C 91 0.08 -14.51 -18.84
CA ALA C 91 -0.03 -15.68 -19.72
C ALA C 91 -0.70 -16.84 -18.99
N GLY C 92 -1.37 -16.55 -17.88
CA GLY C 92 -2.06 -17.57 -17.12
C GLY C 92 -1.14 -18.60 -16.48
N LEU C 93 0.06 -18.17 -16.10
CA LEU C 93 1.01 -19.08 -15.49
C LEU C 93 1.39 -18.62 -14.09
N PRO C 94 1.69 -19.58 -13.19
CA PRO C 94 2.08 -19.26 -11.82
C PRO C 94 3.58 -19.04 -11.78
N VAL C 95 4.06 -18.30 -10.79
CA VAL C 95 5.49 -18.05 -10.69
C VAL C 95 6.03 -18.73 -9.44
N LYS C 96 6.83 -19.76 -9.65
CA LYS C 96 7.40 -20.51 -8.53
C LYS C 96 8.23 -19.62 -7.60
N GLY C 97 7.93 -19.71 -6.30
CA GLY C 97 8.64 -18.92 -5.32
C GLY C 97 10.15 -18.96 -5.48
N ILE C 98 10.66 -20.12 -5.88
CA ILE C 98 12.09 -20.30 -6.10
C ILE C 98 12.59 -19.45 -7.26
N ILE C 99 11.78 -19.32 -8.30
CA ILE C 99 12.17 -18.51 -9.45
C ILE C 99 12.10 -17.04 -9.06
N LEU C 100 11.14 -16.69 -8.22
CA LEU C 100 10.97 -15.32 -7.78
C LEU C 100 12.21 -14.84 -7.02
N LYS C 101 12.68 -15.65 -6.08
CA LYS C 101 13.85 -15.25 -5.30
C LYS C 101 15.12 -15.17 -6.14
N GLU C 102 15.17 -15.99 -7.18
CA GLU C 102 16.31 -16.03 -8.08
C GLU C 102 16.35 -14.75 -8.91
N LYS C 103 15.18 -14.39 -9.42
CA LYS C 103 15.04 -13.20 -10.24
C LYS C 103 15.35 -11.94 -9.44
N ALA C 104 14.95 -11.90 -8.17
CA ALA C 104 15.19 -10.75 -7.32
C ALA C 104 16.68 -10.53 -7.07
N LEU C 105 17.41 -11.62 -6.89
CA LEU C 105 18.84 -11.51 -6.65
C LEU C 105 19.57 -11.01 -7.90
N ARG C 106 19.04 -11.34 -9.08
CA ARG C 106 19.64 -10.89 -10.34
C ARG C 106 19.38 -9.41 -10.58
N ILE C 107 18.16 -8.98 -10.27
CA ILE C 107 17.80 -7.58 -10.44
C ILE C 107 18.67 -6.75 -9.48
N ALA C 108 18.88 -7.28 -8.28
CA ALA C 108 19.70 -6.57 -7.30
C ALA C 108 21.13 -6.38 -7.81
N GLU C 109 21.65 -7.36 -8.54
CA GLU C 109 23.00 -7.28 -9.08
C GLU C 109 23.04 -6.17 -10.11
N GLU C 110 22.02 -6.13 -10.95
CA GLU C 110 21.93 -5.12 -12.00
C GLU C 110 21.81 -3.72 -11.45
N LEU C 111 21.05 -3.57 -10.37
CA LEU C 111 20.87 -2.27 -9.73
C LEU C 111 22.07 -1.88 -8.88
N GLY C 112 22.93 -2.85 -8.60
CA GLY C 112 24.10 -2.58 -7.79
C GLY C 112 23.77 -2.56 -6.30
N MET C 113 22.71 -3.25 -5.91
CA MET C 113 22.34 -3.31 -4.49
C MET C 113 23.10 -4.48 -3.90
N ASP C 114 24.34 -4.24 -3.51
CA ASP C 114 25.19 -5.28 -2.96
C ASP C 114 24.71 -5.81 -1.62
N ASP C 115 23.85 -5.06 -0.95
CA ASP C 115 23.37 -5.50 0.34
C ASP C 115 22.06 -6.27 0.29
N PHE C 116 21.47 -6.37 -0.89
CA PHE C 116 20.23 -7.12 -1.00
C PHE C 116 20.57 -8.59 -0.84
N THR C 117 19.77 -9.30 -0.06
CA THR C 117 20.00 -10.70 0.19
C THR C 117 18.77 -11.53 -0.14
N ALA C 118 17.68 -10.86 -0.48
CA ALA C 118 16.42 -11.56 -0.77
C ALA C 118 16.09 -12.38 0.47
N SER C 119 16.45 -11.83 1.64
CA SER C 119 16.22 -12.46 2.94
C SER C 119 14.81 -13.01 3.13
N ASN C 120 14.68 -13.99 4.03
CA ASN C 120 13.38 -14.58 4.32
C ASN C 120 12.41 -13.50 4.75
N GLY C 121 12.87 -12.61 5.63
CA GLY C 121 12.01 -11.54 6.10
C GLY C 121 11.51 -10.67 4.97
N TRP C 122 12.44 -10.25 4.11
CA TRP C 122 12.08 -9.43 2.98
C TRP C 122 11.09 -10.13 2.05
N LEU C 123 11.38 -11.39 1.71
CA LEU C 123 10.53 -12.13 0.80
C LEU C 123 9.14 -12.32 1.36
N ASP C 124 9.06 -12.69 2.63
CA ASP C 124 7.77 -12.88 3.27
C ASP C 124 6.98 -11.57 3.23
N ARG C 125 7.61 -10.49 3.69
CA ARG C 125 6.96 -9.18 3.69
C ARG C 125 6.52 -8.78 2.30
N PHE C 126 7.37 -9.01 1.31
CA PHE C 126 7.01 -8.68 -0.06
C PHE C 126 5.76 -9.46 -0.44
N ARG C 127 5.78 -10.78 -0.22
CA ARG C 127 4.62 -11.62 -0.55
C ARG C 127 3.32 -11.10 0.08
N ARG C 128 3.39 -10.62 1.32
CA ARG C 128 2.21 -10.10 2.02
C ARG C 128 1.95 -8.63 1.74
N ARG C 129 3.01 -7.88 1.46
CA ARG C 129 2.91 -6.45 1.16
C ARG C 129 2.19 -6.29 -0.17
N ARG C 130 2.95 -6.43 -1.25
CA ARG C 130 2.41 -6.31 -2.59
C ARG C 130 1.26 -7.30 -2.85
N SER C 131 1.04 -8.21 -1.89
CA SER C 131 -0.01 -9.23 -1.94
C SER C 131 -0.55 -9.54 -3.35
#